data_3ILK
#
_entry.id   3ILK
#
_cell.length_a   48.167
_cell.length_b   94.392
_cell.length_c   124.111
_cell.angle_alpha   90.00
_cell.angle_beta   90.00
_cell.angle_gamma   90.00
#
_symmetry.space_group_name_H-M   'P 21 21 21'
#
loop_
_entity.id
_entity.type
_entity.pdbx_description
1 polymer 'Uncharacterized tRNA/rRNA methyltransferase HI0380'
2 non-polymer 1,2-ETHANEDIOL
3 non-polymer 'ACETATE ION'
4 non-polymer 'SULFATE ION'
5 water water
#
_entity_poly.entity_id   1
_entity_poly.type   'polypeptide(L)'
_entity_poly.pdbx_seq_one_letter_code
;SNA(MSE)LENIRIVLIETSHSGNIGSAARA(MSE)KT(MSE)GLTQLCLVSPKSVDEQSYALSAGAENIVKNARVVDSF
DEAVDDCSLVIGTSARLRHLQNTLIEPRECAEKVVAYKGKIAIVFGRERIGLTNEELLKCHYHLNIPANPDYSSLNLA
(MSE)AVQLVSYELR(MSE)AFLVQNNKKNSLSLIEKNYPTTDQLAYFFDYTERIYQSLGFIQNQGV(MSE)RKLKRLYY
RAKLEKNELNILNG(MSE)LSAVEKRIDLTKEDN
;
_entity_poly.pdbx_strand_id   A,B
#
loop_
_chem_comp.id
_chem_comp.type
_chem_comp.name
_chem_comp.formula
ACT non-polymer 'ACETATE ION' 'C2 H3 O2 -1'
EDO non-polymer 1,2-ETHANEDIOL 'C2 H6 O2'
SO4 non-polymer 'SULFATE ION' 'O4 S -2'
#
# COMPACT_ATOMS: atom_id res chain seq x y z
N ASN A 2 -0.77 22.56 0.75
CA ASN A 2 0.59 23.12 0.53
C ASN A 2 1.67 22.10 0.92
N ALA A 3 2.80 22.59 1.40
CA ALA A 3 3.83 21.71 1.92
C ALA A 3 4.51 22.29 3.16
N MSE A 4 4.39 21.54 4.25
CA MSE A 4 5.34 21.59 5.34
C MSE A 4 6.35 20.49 5.03
O MSE A 4 7.14 20.13 5.91
CB MSE A 4 4.67 21.33 6.67
N LEU A 5 6.35 19.95 3.82
CA LEU A 5 7.44 19.08 3.40
C LEU A 5 8.71 19.93 3.11
N GLU A 6 8.50 21.24 2.94
CA GLU A 6 9.53 22.23 2.66
C GLU A 6 10.41 22.62 3.87
N ASN A 7 9.88 22.48 5.09
CA ASN A 7 10.74 22.53 6.28
C ASN A 7 11.64 21.28 6.49
N ILE A 8 11.80 20.42 5.47
CA ILE A 8 12.66 19.22 5.60
C ILE A 8 13.84 19.31 4.62
N ARG A 9 15.03 19.39 5.16
CA ARG A 9 16.24 19.41 4.32
C ARG A 9 16.77 18.00 4.20
N ILE A 10 16.96 17.55 2.97
CA ILE A 10 17.59 16.28 2.67
C ILE A 10 19.10 16.54 2.46
N VAL A 11 19.94 15.92 3.28
CA VAL A 11 21.38 16.15 3.14
C VAL A 11 22.07 14.90 2.61
N LEU A 12 22.86 15.02 1.56
CA LEU A 12 23.61 13.90 1.04
C LEU A 12 25.14 14.10 1.26
N ILE A 13 25.67 13.23 2.13
CA ILE A 13 27.11 13.26 2.47
C ILE A 13 27.99 12.62 1.41
N GLU A 14 28.85 13.44 0.83
CA GLU A 14 29.86 12.99 -0.14
C GLU A 14 29.30 12.03 -1.12
N THR A 15 28.51 12.52 -2.07
CA THR A 15 28.02 11.67 -3.12
C THR A 15 29.19 11.44 -4.04
N SER A 16 29.16 10.32 -4.75
CA SER A 16 30.19 9.91 -5.70
C SER A 16 29.79 10.22 -7.14
N HIS A 17 29.09 9.28 -7.80
CA HIS A 17 28.69 9.51 -9.20
CA HIS A 17 28.71 9.50 -9.20
C HIS A 17 27.72 10.67 -9.24
N SER A 18 27.95 11.59 -10.18
CA SER A 18 27.17 12.82 -10.24
C SER A 18 25.71 12.53 -10.58
N GLY A 19 25.47 11.38 -11.20
CA GLY A 19 24.13 10.87 -11.44
C GLY A 19 23.32 10.58 -10.19
N ASN A 20 23.98 10.21 -9.09
CA ASN A 20 23.29 9.90 -7.85
C ASN A 20 22.54 11.08 -7.25
N ILE A 21 23.14 12.27 -7.36
CA ILE A 21 22.44 13.52 -7.01
C ILE A 21 21.17 13.68 -7.85
N GLY A 22 21.27 13.47 -9.17
CA GLY A 22 20.07 13.49 -9.97
C GLY A 22 18.96 12.51 -9.55
N SER A 23 19.33 11.26 -9.27
CA SER A 23 18.39 10.18 -9.02
C SER A 23 17.73 10.49 -7.66
N ALA A 24 18.49 11.02 -6.71
CA ALA A 24 17.88 11.44 -5.39
C ALA A 24 16.90 12.63 -5.46
N ALA A 25 17.25 13.63 -6.28
CA ALA A 25 16.38 14.80 -6.57
C ALA A 25 15.06 14.34 -7.21
N ARG A 26 15.16 13.49 -8.21
CA ARG A 26 13.95 12.81 -8.75
C ARG A 26 13.09 12.12 -7.66
N ALA A 27 13.69 11.23 -6.85
CA ALA A 27 12.95 10.56 -5.75
C ALA A 27 12.23 11.55 -4.82
N MSE A 28 12.95 12.57 -4.39
CA MSE A 28 12.36 13.66 -3.63
C MSE A 28 11.14 14.32 -4.29
O MSE A 28 10.09 14.57 -3.61
CB MSE A 28 13.40 14.76 -3.38
CG MSE A 28 14.59 14.33 -2.54
SE MSE A 28 16.00 15.66 -2.41
CE MSE A 28 15.11 17.23 -1.74
N LYS A 29 11.29 14.71 -5.55
CA LYS A 29 10.22 15.40 -6.24
C LYS A 29 8.97 14.52 -6.41
N THR A 30 9.14 13.21 -6.60
CA THR A 30 7.98 12.33 -6.75
C THR A 30 7.15 12.39 -5.46
N MSE A 31 7.76 12.80 -4.34
CA MSE A 31 7.06 12.79 -3.05
C MSE A 31 6.79 14.18 -2.50
O MSE A 31 6.15 14.32 -1.45
CB MSE A 31 7.80 11.93 -2.00
CG MSE A 31 7.86 10.47 -2.37
SE MSE A 31 6.12 9.60 -2.47
CE MSE A 31 6.30 8.65 -4.15
N GLY A 32 7.21 15.21 -3.22
CA GLY A 32 6.88 16.57 -2.76
C GLY A 32 7.98 17.26 -1.94
N LEU A 33 9.15 16.63 -1.82
CA LEU A 33 10.31 17.26 -1.13
CA LEU A 33 10.31 17.26 -1.13
C LEU A 33 11.04 18.18 -2.08
N THR A 34 11.57 19.26 -1.54
CA THR A 34 12.24 20.26 -2.38
C THR A 34 13.62 20.73 -1.90
N GLN A 35 14.00 20.48 -0.64
CA GLN A 35 15.23 21.09 -0.13
C GLN A 35 16.35 20.09 -0.05
N LEU A 36 17.33 20.29 -0.93
CA LEU A 36 18.44 19.40 -1.06
C LEU A 36 19.76 20.13 -0.67
N CYS A 37 20.57 19.44 0.14
CA CYS A 37 21.91 19.91 0.52
C CYS A 37 22.95 18.81 0.31
N LEU A 38 24.00 19.14 -0.44
CA LEU A 38 25.19 18.32 -0.71
C LEU A 38 26.41 18.72 0.16
N VAL A 39 27.02 17.72 0.83
CA VAL A 39 28.30 17.92 1.53
C VAL A 39 29.39 17.36 0.65
N SER A 40 30.31 18.23 0.22
CA SER A 40 31.46 17.77 -0.56
C SER A 40 31.09 16.69 -1.57
N PRO A 41 30.17 16.99 -2.49
CA PRO A 41 29.95 16.05 -3.56
C PRO A 41 31.25 15.93 -4.31
N LYS A 42 31.49 14.74 -4.83
CA LYS A 42 32.70 14.51 -5.61
C LYS A 42 32.59 15.24 -6.93
N SER A 43 31.39 15.28 -7.47
CA SER A 43 31.24 15.97 -8.74
C SER A 43 29.78 16.25 -9.01
N VAL A 44 29.49 17.40 -9.60
CA VAL A 44 28.13 17.68 -10.08
C VAL A 44 28.26 18.22 -11.50
N ASP A 45 27.56 17.63 -12.45
CA ASP A 45 27.76 17.97 -13.86
C ASP A 45 26.48 17.63 -14.61
N GLU A 46 26.56 17.50 -15.93
CA GLU A 46 25.37 17.25 -16.74
C GLU A 46 24.58 16.01 -16.25
N GLN A 47 25.27 14.96 -15.86
CA GLN A 47 24.64 13.76 -15.32
C GLN A 47 23.78 13.99 -14.07
N SER A 48 24.15 14.96 -13.22
CA SER A 48 23.34 15.33 -12.07
C SER A 48 21.99 15.86 -12.53
N TYR A 49 22.01 16.56 -13.66
CA TYR A 49 20.81 17.11 -14.27
C TYR A 49 20.04 16.09 -15.09
N ALA A 50 20.75 15.37 -15.95
CA ALA A 50 20.15 14.31 -16.75
C ALA A 50 19.33 13.31 -15.94
N LEU A 51 19.91 12.75 -14.88
CA LEU A 51 19.23 11.75 -14.07
C LEU A 51 18.09 12.32 -13.18
N SER A 52 17.96 13.65 -13.13
CA SER A 52 16.91 14.25 -12.30
C SER A 52 15.55 14.11 -13.02
N ALA A 53 15.63 13.96 -14.33
CA ALA A 53 14.46 13.62 -15.13
C ALA A 53 13.25 14.58 -14.98
N GLY A 54 13.51 15.88 -14.98
CA GLY A 54 12.49 16.88 -14.74
C GLY A 54 12.55 17.44 -13.32
N ALA A 55 13.45 16.92 -12.50
CA ALA A 55 13.65 17.47 -11.18
C ALA A 55 14.88 18.39 -11.14
N GLU A 56 15.17 19.05 -12.25
CA GLU A 56 16.34 19.91 -12.31
C GLU A 56 16.29 21.06 -11.28
N ASN A 57 15.09 21.57 -11.02
CA ASN A 57 14.93 22.69 -10.11
C ASN A 57 15.57 22.38 -8.76
N ILE A 58 15.36 21.13 -8.31
CA ILE A 58 15.88 20.67 -7.01
C ILE A 58 17.41 20.66 -7.01
N VAL A 59 18.01 20.18 -8.10
CA VAL A 59 19.47 20.17 -8.28
C VAL A 59 20.05 21.59 -8.37
N LYS A 60 19.35 22.49 -9.10
CA LYS A 60 19.79 23.90 -9.23
C LYS A 60 19.82 24.60 -7.89
N ASN A 61 18.77 24.37 -7.11
CA ASN A 61 18.61 25.11 -5.86
C ASN A 61 19.33 24.49 -4.67
N ALA A 62 19.97 23.35 -4.88
CA ALA A 62 20.64 22.68 -3.78
C ALA A 62 21.74 23.53 -3.19
N ARG A 63 21.81 23.50 -1.85
CA ARG A 63 22.97 23.93 -1.12
C ARG A 63 24.16 23.00 -1.37
N VAL A 64 25.35 23.60 -1.30
CA VAL A 64 26.57 22.84 -1.38
C VAL A 64 27.55 23.38 -0.37
N VAL A 65 27.83 22.56 0.63
CA VAL A 65 28.71 22.95 1.73
C VAL A 65 29.80 21.89 1.92
N ASP A 66 30.78 22.28 2.75
CA ASP A 66 31.98 21.53 3.02
C ASP A 66 31.93 20.79 4.38
N SER A 67 30.88 21.00 5.19
CA SER A 67 30.88 20.43 6.53
C SER A 67 29.44 20.03 6.95
N PHE A 68 29.40 19.14 7.95
CA PHE A 68 28.19 18.49 8.35
C PHE A 68 27.47 19.60 9.14
N ASP A 69 28.24 20.33 9.95
CA ASP A 69 27.72 21.47 10.72
C ASP A 69 27.00 22.50 9.86
N GLU A 70 27.61 22.89 8.74
CA GLU A 70 26.92 23.81 7.83
C GLU A 70 25.68 23.11 7.24
N ALA A 71 25.84 21.83 6.87
CA ALA A 71 24.74 21.09 6.21
C ALA A 71 23.49 21.05 7.07
N VAL A 72 23.62 21.11 8.39
CA VAL A 72 22.46 21.04 9.29
C VAL A 72 22.20 22.34 10.02
N ASP A 73 22.90 23.39 9.63
CA ASP A 73 22.66 24.77 10.10
C ASP A 73 21.14 25.05 10.20
N ASP A 74 20.68 25.51 11.37
CA ASP A 74 19.32 25.94 11.46
C ASP A 74 18.27 24.83 11.42
N CYS A 75 18.69 23.58 11.59
CA CYS A 75 17.74 22.49 11.84
C CYS A 75 17.89 21.95 13.26
N SER A 76 16.84 22.03 14.07
CA SER A 76 17.00 21.61 15.46
C SER A 76 16.59 20.14 15.66
N LEU A 77 16.09 19.46 14.62
CA LEU A 77 15.93 18.01 14.67
C LEU A 77 16.74 17.44 13.53
N VAL A 78 17.67 16.57 13.87
CA VAL A 78 18.60 16.01 12.95
C VAL A 78 18.46 14.47 12.98
N ILE A 79 18.26 13.85 11.81
CA ILE A 79 18.06 12.44 11.74
C ILE A 79 19.15 11.98 10.81
N GLY A 80 19.99 11.04 11.26
CA GLY A 80 21.00 10.44 10.30
C GLY A 80 20.67 8.98 9.99
N THR A 81 20.85 8.55 8.75
CA THR A 81 20.57 7.17 8.45
C THR A 81 21.77 6.38 8.99
N SER A 82 21.50 5.15 9.40
CA SER A 82 22.55 4.25 9.83
C SER A 82 22.17 2.78 9.81
N ALA A 83 23.22 1.97 9.71
CA ALA A 83 23.12 0.54 10.01
C ALA A 83 22.58 0.34 11.41
N ARG A 84 22.17 -0.89 11.65
CA ARG A 84 21.65 -1.26 12.94
C ARG A 84 22.80 -1.52 13.90
N LEU A 85 23.50 -0.45 14.25
CA LEU A 85 24.66 -0.44 15.13
C LEU A 85 24.24 -0.61 16.57
N ARG A 86 24.75 -1.65 17.22
CA ARG A 86 24.35 -1.93 18.60
C ARG A 86 24.56 -0.75 19.58
N HIS A 87 25.62 0.06 19.41
CA HIS A 87 25.83 1.18 20.34
C HIS A 87 24.82 2.36 20.20
N LEU A 88 23.98 2.29 19.17
CA LEU A 88 22.95 3.29 18.89
C LEU A 88 21.58 2.86 19.26
N GLN A 89 21.52 1.72 19.94
CA GLN A 89 20.26 1.03 20.22
C GLN A 89 19.24 1.96 20.87
N ASN A 90 19.71 2.94 21.63
CA ASN A 90 18.78 3.81 22.38
C ASN A 90 18.01 4.76 21.47
N THR A 91 18.55 5.02 20.27
CA THR A 91 18.05 6.10 19.43
C THR A 91 17.80 5.66 18.00
N LEU A 92 17.89 4.35 17.74
CA LEU A 92 17.55 3.77 16.44
C LEU A 92 16.06 3.75 16.22
N ILE A 93 15.61 4.17 15.04
CA ILE A 93 14.16 4.18 14.70
C ILE A 93 14.04 3.73 13.27
N GLU A 94 12.85 3.31 12.82
CA GLU A 94 12.69 2.95 11.41
C GLU A 94 11.80 4.01 10.73
N PRO A 95 11.69 3.98 9.38
CA PRO A 95 11.10 5.08 8.61
C PRO A 95 9.68 5.49 8.97
N ARG A 96 8.83 4.53 9.35
CA ARG A 96 7.47 4.88 9.76
C ARG A 96 7.46 5.77 11.01
N GLU A 97 8.04 5.31 12.11
CA GLU A 97 8.12 6.14 13.34
C GLU A 97 8.87 7.41 13.03
N CYS A 98 9.94 7.31 12.27
CA CYS A 98 10.71 8.50 11.95
C CYS A 98 9.85 9.61 11.28
N ALA A 99 9.05 9.21 10.27
CA ALA A 99 8.15 10.14 9.56
C ALA A 99 7.08 10.74 10.49
N GLU A 100 6.55 9.94 11.40
CA GLU A 100 5.58 10.50 12.33
C GLU A 100 6.21 11.60 13.18
N LYS A 101 7.46 11.39 13.63
CA LYS A 101 8.15 12.43 14.37
C LYS A 101 8.43 13.66 13.52
N VAL A 102 8.97 13.48 12.30
CA VAL A 102 9.26 14.62 11.45
C VAL A 102 7.99 15.50 11.26
N VAL A 103 6.89 14.83 10.93
CA VAL A 103 5.67 15.50 10.60
C VAL A 103 5.09 16.25 11.81
N ALA A 104 5.32 15.78 13.03
CA ALA A 104 4.84 16.54 14.21
C ALA A 104 5.93 17.56 14.71
N TYR A 105 7.12 17.60 14.09
CA TYR A 105 8.21 18.46 14.62
C TYR A 105 8.00 19.96 14.32
N LYS A 106 7.79 20.76 15.36
CA LYS A 106 7.64 22.21 15.17
C LYS A 106 8.98 22.96 14.98
N GLY A 107 9.68 22.68 13.86
CA GLY A 107 10.93 23.37 13.53
C GLY A 107 11.41 22.82 12.21
N LYS A 108 12.68 23.07 11.82
CA LYS A 108 13.31 22.47 10.65
CA LYS A 108 13.26 22.44 10.64
C LYS A 108 14.04 21.18 11.03
N ILE A 109 14.05 20.24 10.10
CA ILE A 109 14.51 18.90 10.29
C ILE A 109 15.54 18.68 9.16
N ALA A 110 16.72 18.18 9.52
CA ALA A 110 17.60 17.63 8.43
C ALA A 110 17.56 16.11 8.49
N ILE A 111 17.37 15.44 7.37
CA ILE A 111 17.64 14.03 7.32
C ILE A 111 18.90 13.81 6.52
N VAL A 112 19.89 13.15 7.14
CA VAL A 112 21.23 13.06 6.62
C VAL A 112 21.44 11.64 6.20
N PHE A 113 21.82 11.50 4.94
CA PHE A 113 22.14 10.24 4.28
C PHE A 113 23.64 10.14 4.21
N GLY A 114 24.18 9.14 4.93
CA GLY A 114 25.62 9.02 5.05
C GLY A 114 26.07 8.31 3.81
N ARG A 115 27.39 8.24 3.64
CA ARG A 115 27.99 7.54 2.54
C ARG A 115 27.63 6.05 2.48
N GLU A 116 27.32 5.59 1.25
CA GLU A 116 27.07 4.18 0.97
C GLU A 116 28.24 3.32 1.51
N ARG A 117 27.89 2.26 2.24
CA ARG A 117 28.84 1.30 2.84
CA ARG A 117 28.87 1.30 2.78
C ARG A 117 29.95 1.90 3.72
N ILE A 118 29.70 3.09 4.28
CA ILE A 118 30.64 3.73 5.20
C ILE A 118 29.83 4.33 6.37
N GLY A 119 28.75 5.03 6.01
CA GLY A 119 27.89 5.72 6.90
C GLY A 119 28.47 7.06 7.36
N LEU A 120 28.08 7.43 8.57
CA LEU A 120 28.52 8.63 9.23
C LEU A 120 29.57 8.33 10.30
N THR A 121 30.34 9.37 10.64
CA THR A 121 31.48 9.24 11.53
C THR A 121 30.84 9.29 12.92
N ASN A 122 31.62 8.84 13.90
CA ASN A 122 31.35 9.03 15.28
C ASN A 122 30.81 10.42 15.62
N GLU A 123 31.57 11.49 15.39
CA GLU A 123 31.11 12.88 15.58
C GLU A 123 29.73 13.16 14.90
N GLU A 124 29.59 12.75 13.63
CA GLU A 124 28.32 12.98 12.89
C GLU A 124 27.15 12.24 13.55
N LEU A 125 27.33 10.95 13.90
CA LEU A 125 26.30 10.18 14.66
C LEU A 125 25.90 10.87 15.95
N LEU A 126 26.89 11.37 16.71
CA LEU A 126 26.59 12.03 17.99
C LEU A 126 25.76 13.28 17.72
N LYS A 127 25.96 13.90 16.57
CA LYS A 127 25.16 15.08 16.27
C LYS A 127 23.74 14.82 15.75
N CYS A 128 23.37 13.54 15.55
CA CYS A 128 21.99 13.21 15.23
C CYS A 128 21.14 12.89 16.48
N HIS A 129 19.87 13.31 16.48
CA HIS A 129 19.01 13.07 17.67
C HIS A 129 18.50 11.62 17.53
N TYR A 130 18.30 11.17 16.29
CA TYR A 130 17.81 9.80 16.10
C TYR A 130 18.54 9.21 14.92
N HIS A 131 18.58 7.89 14.88
CA HIS A 131 19.33 7.19 13.83
C HIS A 131 18.39 6.31 13.10
N LEU A 132 18.35 6.49 11.77
CA LEU A 132 17.30 5.93 10.94
C LEU A 132 17.77 4.68 10.22
N ASN A 133 17.16 3.55 10.53
CA ASN A 133 17.58 2.33 9.87
C ASN A 133 16.40 1.81 9.08
N ILE A 134 16.68 1.37 7.85
CA ILE A 134 15.60 0.88 7.01
C ILE A 134 15.58 -0.64 7.10
N PRO A 135 14.47 -1.21 7.62
CA PRO A 135 14.40 -2.65 7.73
C PRO A 135 14.67 -3.26 6.34
N ALA A 136 15.47 -4.30 6.30
CA ALA A 136 15.93 -4.82 5.04
C ALA A 136 16.33 -6.26 5.21
N ASN A 137 16.55 -6.94 4.09
CA ASN A 137 17.10 -8.30 4.08
C ASN A 137 18.38 -8.29 4.94
N PRO A 138 18.42 -9.10 6.01
CA PRO A 138 19.62 -9.13 6.87
C PRO A 138 20.85 -9.58 6.06
N ASP A 139 20.63 -10.43 5.08
CA ASP A 139 21.71 -10.93 4.22
C ASP A 139 22.10 -10.00 3.08
N TYR A 140 21.40 -8.89 2.90
CA TYR A 140 21.68 -7.99 1.77
C TYR A 140 21.00 -6.65 2.02
N SER A 141 21.54 -5.89 2.97
CA SER A 141 20.82 -4.75 3.53
C SER A 141 21.21 -3.36 3.02
N SER A 142 22.09 -3.26 2.03
CA SER A 142 22.52 -1.93 1.59
C SER A 142 21.69 -1.34 0.43
N LEU A 143 20.89 -0.34 0.76
CA LEU A 143 20.16 0.41 -0.24
C LEU A 143 21.18 1.32 -0.89
N ASN A 144 21.13 1.50 -2.20
CA ASN A 144 21.92 2.62 -2.68
C ASN A 144 21.21 3.95 -2.31
N LEU A 145 21.91 5.05 -2.53
CA LEU A 145 21.48 6.36 -2.06
C LEU A 145 20.04 6.75 -2.46
N ALA A 146 19.79 6.72 -3.76
CA ALA A 146 18.50 7.04 -4.36
C ALA A 146 17.39 6.14 -3.80
N MSE A 147 17.67 4.86 -3.60
CA MSE A 147 16.69 3.91 -3.05
C MSE A 147 16.35 4.38 -1.64
O MSE A 147 15.17 4.45 -1.28
CB MSE A 147 17.28 2.47 -3.01
CG MSE A 147 17.49 1.79 -4.35
SE MSE A 147 18.63 0.11 -4.32
CE MSE A 147 18.17 -0.48 -6.19
N ALA A 148 17.37 4.75 -0.86
CA ALA A 148 17.12 5.18 0.49
C ALA A 148 16.28 6.47 0.58
N VAL A 149 16.60 7.43 -0.29
CA VAL A 149 15.88 8.69 -0.30
C VAL A 149 14.44 8.47 -0.77
N GLN A 150 14.26 7.70 -1.84
CA GLN A 150 12.91 7.32 -2.33
C GLN A 150 12.07 6.80 -1.17
N LEU A 151 12.61 5.83 -0.40
CA LEU A 151 11.81 5.18 0.63
C LEU A 151 11.51 6.11 1.77
N VAL A 152 12.50 6.91 2.15
CA VAL A 152 12.25 7.82 3.35
C VAL A 152 11.24 8.91 2.95
N SER A 153 11.40 9.41 1.71
CA SER A 153 10.51 10.45 1.13
C SER A 153 9.08 9.95 1.06
N TYR A 154 8.93 8.70 0.62
CA TYR A 154 7.63 8.09 0.54
C TYR A 154 6.97 8.02 1.98
N GLU A 155 7.69 7.57 2.98
CA GLU A 155 7.11 7.47 4.34
C GLU A 155 6.82 8.86 4.86
N LEU A 156 7.67 9.83 4.50
CA LEU A 156 7.36 11.23 4.81
C LEU A 156 6.05 11.72 4.18
N ARG A 157 5.86 11.45 2.91
CA ARG A 157 4.64 11.87 2.28
C ARG A 157 3.44 11.18 2.91
N MSE A 158 3.57 9.87 3.18
CA MSE A 158 2.47 9.10 3.80
C MSE A 158 2.12 9.66 5.18
O MSE A 158 0.96 9.71 5.54
CB MSE A 158 2.81 7.61 3.98
CG MSE A 158 2.99 6.86 2.67
SE MSE A 158 1.35 6.86 1.59
CE MSE A 158 0.29 5.86 2.88
N ALA A 159 3.14 10.04 5.96
CA ALA A 159 2.90 10.65 7.27
C ALA A 159 2.13 11.97 7.13
N PHE A 160 2.57 12.80 6.18
CA PHE A 160 1.91 14.05 5.84
C PHE A 160 0.42 13.87 5.47
N LEU A 161 0.11 12.85 4.64
CA LEU A 161 -1.24 12.63 4.13
C LEU A 161 -2.17 12.11 5.22
N VAL A 162 -1.67 11.18 6.03
CA VAL A 162 -2.45 10.58 7.11
C VAL A 162 -2.75 11.66 8.16
N GLN A 163 -1.79 12.52 8.44
CA GLN A 163 -2.00 13.64 9.35
C GLN A 163 -3.03 14.66 8.82
N ASN A 164 -3.00 14.93 7.52
CA ASN A 164 -3.98 15.82 6.90
C ASN A 164 -5.36 15.20 6.73
N ASN A 165 -5.41 13.87 6.56
CA ASN A 165 -6.68 13.14 6.57
C ASN A 165 -7.32 13.16 7.94
N LYS A 166 -6.49 13.14 8.97
CA LYS A 166 -6.94 13.24 10.35
C LYS A 166 -7.59 14.60 10.66
N LYS A 167 -6.92 15.68 10.25
CA LYS A 167 -7.39 17.04 10.50
C LYS A 167 -8.78 17.34 9.90
N ASN A 168 -9.13 16.59 8.86
CA ASN A 168 -10.43 16.74 8.17
C ASN A 168 -11.51 15.84 8.73
N SER A 169 -11.16 14.59 8.98
CA SER A 169 -12.16 13.54 9.13
C SER A 169 -12.88 13.49 10.48
N LEU A 170 -12.23 14.00 11.53
CA LEU A 170 -12.84 14.05 12.87
C LEU A 170 -14.09 14.92 12.91
N SER A 171 -14.08 16.01 12.13
CA SER A 171 -15.26 16.86 11.95
C SER A 171 -16.31 16.18 11.09
N LEU A 172 -15.83 15.44 10.09
CA LEU A 172 -16.69 14.73 9.13
C LEU A 172 -17.56 13.65 9.79
N GLU A 174 -19.15 10.48 13.10
CA GLU A 174 -20.44 10.13 12.53
C GLU A 174 -21.58 10.42 13.51
N LYS A 175 -21.77 11.71 13.82
CA LYS A 175 -22.80 12.17 14.77
C LYS A 175 -24.21 11.61 14.52
N ASN A 176 -24.32 10.68 13.55
CA ASN A 176 -25.55 9.94 13.33
C ASN A 176 -25.41 8.42 13.57
N TYR A 177 -25.74 8.05 14.80
CA TYR A 177 -25.91 6.65 15.16
C TYR A 177 -27.38 6.45 15.50
N PRO A 178 -27.94 5.28 15.17
CA PRO A 178 -29.35 5.06 15.50
C PRO A 178 -29.61 5.11 17.00
N THR A 179 -30.86 5.34 17.37
CA THR A 179 -31.25 5.37 18.77
C THR A 179 -31.43 3.92 19.22
N THR A 180 -31.54 3.73 20.54
CA THR A 180 -31.79 2.41 21.13
C THR A 180 -33.08 1.83 20.58
N ASP A 181 -34.12 2.67 20.50
CA ASP A 181 -35.40 2.22 19.97
C ASP A 181 -35.32 1.89 18.45
N GLN A 182 -34.52 2.63 17.72
CA GLN A 182 -34.43 2.32 16.30
C GLN A 182 -33.90 0.91 16.09
N LEU A 183 -32.80 0.58 16.78
CA LEU A 183 -32.14 -0.75 16.63
C LEU A 183 -33.06 -1.85 17.16
N ALA A 184 -33.73 -1.55 18.26
CA ALA A 184 -34.63 -2.49 18.85
C ALA A 184 -35.73 -2.78 17.86
N TYR A 185 -36.28 -1.73 17.24
CA TYR A 185 -37.35 -1.93 16.28
C TYR A 185 -36.84 -2.89 15.20
N PHE A 186 -35.59 -2.69 14.78
CA PHE A 186 -34.92 -3.49 13.71
C PHE A 186 -34.81 -4.96 14.09
N PHE A 187 -34.65 -5.24 15.39
CA PHE A 187 -34.50 -6.63 15.83
C PHE A 187 -35.86 -7.32 15.81
N ASP A 188 -36.89 -6.70 16.39
CA ASP A 188 -38.25 -7.23 16.27
C ASP A 188 -38.70 -7.44 14.82
N TYR A 189 -38.30 -6.54 13.94
CA TYR A 189 -38.62 -6.61 12.53
C TYR A 189 -37.90 -7.81 11.85
N THR A 190 -36.59 -7.94 12.03
CA THR A 190 -35.82 -9.14 11.63
C THR A 190 -36.50 -10.43 12.13
N GLU A 191 -36.83 -10.47 13.43
CA GLU A 191 -37.48 -11.64 14.05
C GLU A 191 -38.79 -12.02 13.39
N ARG A 192 -39.76 -11.09 13.43
CA ARG A 192 -41.03 -11.27 12.75
C ARG A 192 -40.87 -11.81 11.30
N ILE A 193 -40.03 -11.16 10.51
CA ILE A 193 -39.86 -11.54 9.11
C ILE A 193 -39.29 -12.96 8.96
N TYR A 194 -38.26 -13.26 9.75
CA TYR A 194 -37.59 -14.54 9.64
C TYR A 194 -38.34 -15.69 10.33
N GLN A 195 -39.25 -15.34 11.23
CA GLN A 195 -40.23 -16.29 11.75
C GLN A 195 -41.34 -16.52 10.72
N SER A 196 -41.66 -15.46 9.96
CA SER A 196 -42.67 -15.53 8.93
C SER A 196 -42.19 -16.49 7.84
N LEU A 197 -40.89 -16.45 7.56
CA LEU A 197 -40.27 -17.35 6.58
C LEU A 197 -40.28 -18.82 7.00
N GLY A 198 -40.14 -19.06 8.30
CA GLY A 198 -40.03 -20.42 8.83
C GLY A 198 -38.58 -20.77 9.10
N PHE A 199 -37.73 -19.76 9.23
CA PHE A 199 -36.31 -19.94 9.50
C PHE A 199 -35.99 -20.05 10.99
N ILE A 200 -36.56 -19.15 11.79
CA ILE A 200 -36.33 -19.10 13.23
C ILE A 200 -37.12 -20.20 13.94
N GLN A 201 -36.44 -21.01 14.75
CA GLN A 201 -37.07 -22.04 15.58
C GLN A 201 -36.78 -21.86 17.06
N ASN A 202 -35.73 -21.10 17.38
CA ASN A 202 -35.31 -20.85 18.76
C ASN A 202 -34.66 -19.49 18.94
N GLN A 203 -34.66 -18.99 20.17
CA GLN A 203 -34.22 -17.61 20.49
C GLN A 203 -32.73 -17.34 20.26
N GLY A 204 -31.94 -18.40 20.07
CA GLY A 204 -30.50 -18.28 19.86
C GLY A 204 -30.11 -17.48 18.62
N VAL A 205 -30.90 -17.59 17.55
CA VAL A 205 -30.59 -16.83 16.32
C VAL A 205 -30.61 -15.31 16.63
N MSE A 206 -31.68 -14.83 17.25
CA MSE A 206 -31.77 -13.40 17.59
C MSE A 206 -30.69 -12.92 18.55
O MSE A 206 -30.18 -11.80 18.40
CB MSE A 206 -33.15 -13.03 18.14
CG MSE A 206 -34.23 -13.02 17.08
SE MSE A 206 -33.69 -12.17 15.39
CE MSE A 206 -33.23 -10.37 16.01
N ARG A 207 -30.32 -13.79 19.50
CA ARG A 207 -29.32 -13.49 20.52
C ARG A 207 -27.95 -13.29 19.86
N LYS A 208 -27.63 -14.17 18.91
CA LYS A 208 -26.37 -14.10 18.20
C LYS A 208 -26.36 -12.92 17.27
N LEU A 209 -27.54 -12.59 16.71
CA LEU A 209 -27.66 -11.43 15.83
C LEU A 209 -27.47 -10.12 16.55
N LYS A 210 -28.07 -9.99 17.74
CA LYS A 210 -27.92 -8.77 18.53
C LYS A 210 -26.44 -8.61 18.88
N ARG A 211 -25.84 -9.68 19.36
CA ARG A 211 -24.42 -9.69 19.68
C ARG A 211 -23.59 -9.17 18.50
N LEU A 212 -23.86 -9.72 17.32
CA LEU A 212 -23.19 -9.32 16.08
C LEU A 212 -23.36 -7.83 15.79
N TYR A 213 -24.60 -7.35 15.83
CA TYR A 213 -24.93 -5.99 15.41
C TYR A 213 -24.51 -4.94 16.44
N TYR A 214 -24.65 -5.27 17.73
CA TYR A 214 -24.09 -4.44 18.81
C TYR A 214 -22.55 -4.36 18.73
N ARG A 215 -21.91 -5.49 18.49
CA ARG A 215 -20.46 -5.49 18.27
C ARG A 215 -20.10 -4.58 17.08
N ALA A 216 -20.88 -4.67 16.01
CA ALA A 216 -20.70 -3.82 14.82
C ALA A 216 -20.78 -2.32 15.13
N LYS A 217 -21.73 -1.96 16.00
CA LYS A 217 -22.12 -0.56 16.25
C LYS A 217 -22.60 0.03 14.91
N LEU A 218 -23.85 -0.27 14.58
CA LEU A 218 -24.40 0.11 13.28
C LEU A 218 -24.44 1.63 13.12
N GLU A 219 -24.01 2.11 11.95
CA GLU A 219 -24.32 3.50 11.63
C GLU A 219 -25.82 3.63 11.24
N LYS A 220 -26.37 4.85 11.36
CA LYS A 220 -27.79 5.08 11.03
C LYS A 220 -28.08 4.76 9.56
N ASN A 221 -27.14 5.08 8.67
CA ASN A 221 -27.31 4.76 7.25
C ASN A 221 -27.20 3.25 6.98
N GLU A 222 -26.31 2.56 7.69
CA GLU A 222 -26.31 1.09 7.72
C GLU A 222 -27.63 0.51 8.23
N LEU A 223 -28.12 1.02 9.37
CA LEU A 223 -29.43 0.57 9.83
C LEU A 223 -30.45 0.80 8.70
N ASN A 224 -30.38 1.95 8.04
CA ASN A 224 -31.29 2.25 6.93
C ASN A 224 -31.29 1.20 5.84
N ILE A 225 -30.10 0.81 5.39
CA ILE A 225 -29.97 -0.24 4.41
C ILE A 225 -30.65 -1.55 4.89
N LEU A 226 -30.32 -2.00 6.10
CA LEU A 226 -30.79 -3.28 6.64
C LEU A 226 -32.29 -3.36 6.88
N ASN A 227 -32.87 -2.23 7.34
CA ASN A 227 -34.31 -2.07 7.43
C ASN A 227 -34.92 -2.10 6.03
N GLY A 228 -34.19 -1.55 5.06
CA GLY A 228 -34.62 -1.52 3.65
C GLY A 228 -34.65 -2.89 2.99
N MSE A 229 -33.70 -3.74 3.38
CA MSE A 229 -33.70 -5.14 2.95
C MSE A 229 -34.92 -5.91 3.56
O MSE A 229 -35.65 -6.60 2.87
CB MSE A 229 -32.37 -5.84 3.28
CG MSE A 229 -31.17 -5.15 2.57
SE MSE A 229 -29.37 -5.57 3.25
CE MSE A 229 -28.95 -7.07 2.05
N LEU A 230 -35.15 -5.75 4.86
CA LEU A 230 -36.34 -6.38 5.50
C LEU A 230 -37.69 -6.02 4.86
N SER A 231 -37.81 -4.76 4.44
CA SER A 231 -38.98 -4.29 3.71
C SER A 231 -39.03 -4.91 2.33
N ALA A 232 -37.86 -5.04 1.71
CA ALA A 232 -37.78 -5.71 0.42
C ALA A 232 -38.30 -7.16 0.52
N VAL A 233 -37.78 -7.93 1.46
CA VAL A 233 -38.28 -9.29 1.77
C VAL A 233 -39.78 -9.32 2.16
N GLU A 234 -40.23 -8.36 2.98
CA GLU A 234 -41.61 -8.27 3.39
C GLU A 234 -42.60 -8.14 2.22
N LYS A 235 -42.30 -7.21 1.31
CA LYS A 235 -43.10 -7.02 0.10
C LYS A 235 -43.29 -8.34 -0.65
N ARG A 236 -42.21 -9.11 -0.77
CA ARG A 236 -42.25 -10.42 -1.41
C ARG A 236 -43.15 -11.44 -0.68
N ILE A 237 -42.96 -11.57 0.64
CA ILE A 237 -43.84 -12.39 1.50
C ILE A 237 -45.31 -12.01 1.28
N ASP A 238 -45.56 -10.70 1.30
CA ASP A 238 -46.92 -10.15 1.23
C ASP A 238 -47.54 -10.34 -0.16
N LEU A 239 -46.70 -10.73 -1.11
CA LEU A 239 -47.12 -10.95 -2.48
C LEU A 239 -47.45 -12.43 -2.75
N THR A 240 -46.92 -13.32 -1.91
CA THR A 240 -47.13 -14.77 -2.06
C THR A 240 -48.47 -15.22 -1.48
N LYS A 241 -48.75 -14.79 -0.26
CA LYS A 241 -49.98 -15.16 0.43
C LYS A 241 -50.49 -13.97 1.25
N MSE B 4 5.96 -17.59 2.43
CA MSE B 4 7.16 -16.75 2.13
C MSE B 4 6.77 -15.63 1.15
O MSE B 4 5.63 -15.59 0.64
CB MSE B 4 8.30 -17.63 1.57
CG MSE B 4 9.70 -17.00 1.55
SE MSE B 4 10.57 -16.64 3.30
CE MSE B 4 11.40 -18.40 3.65
N LEU B 5 7.70 -14.71 0.89
CA LEU B 5 7.58 -13.76 -0.20
C LEU B 5 7.73 -14.51 -1.55
N GLU B 6 7.98 -15.82 -1.47
CA GLU B 6 8.28 -16.69 -2.61
C GLU B 6 7.14 -16.83 -3.62
N ASN B 7 5.89 -16.69 -3.18
CA ASN B 7 4.76 -16.76 -4.10
C ASN B 7 4.46 -15.45 -4.88
N ILE B 8 5.29 -14.42 -4.68
CA ILE B 8 5.14 -13.16 -5.41
C ILE B 8 6.07 -13.04 -6.61
N ARG B 9 5.50 -12.81 -7.79
CA ARG B 9 6.30 -12.64 -8.97
C ARG B 9 6.25 -11.16 -9.27
N ILE B 10 7.43 -10.60 -9.51
CA ILE B 10 7.55 -9.20 -9.91
C ILE B 10 7.68 -9.21 -11.42
N VAL B 11 6.76 -8.54 -12.10
CA VAL B 11 6.73 -8.54 -13.58
C VAL B 11 7.00 -7.14 -14.13
N LEU B 12 7.97 -7.04 -15.00
CA LEU B 12 8.32 -5.81 -15.70
C LEU B 12 7.96 -6.03 -17.17
N ILE B 13 7.04 -5.23 -17.71
CA ILE B 13 6.62 -5.28 -19.15
C ILE B 13 7.47 -4.38 -20.03
N GLU B 14 8.17 -4.96 -21.01
CA GLU B 14 8.93 -4.18 -22.00
C GLU B 14 9.79 -3.07 -21.38
N THR B 15 10.69 -3.49 -20.50
CA THR B 15 11.64 -2.57 -19.91
C THR B 15 12.58 -2.09 -21.01
N SER B 16 12.63 -0.77 -21.13
CA SER B 16 13.34 -0.13 -22.19
C SER B 16 14.81 0.01 -21.83
N HIS B 17 15.12 0.27 -20.56
CA HIS B 17 16.51 0.50 -20.16
C HIS B 17 17.03 -0.64 -19.33
N SER B 18 18.07 -1.28 -19.83
CA SER B 18 18.54 -2.52 -19.23
C SER B 18 19.06 -2.36 -17.80
N GLY B 19 19.63 -1.17 -17.48
CA GLY B 19 19.98 -0.80 -16.11
C GLY B 19 18.79 -0.93 -15.15
N ASN B 20 17.60 -0.57 -15.61
CA ASN B 20 16.42 -0.62 -14.75
C ASN B 20 16.11 -2.01 -14.20
N ILE B 21 16.38 -3.01 -15.00
CA ILE B 21 16.21 -4.40 -14.61
C ILE B 21 17.16 -4.79 -13.46
N GLY B 22 18.43 -4.36 -13.55
CA GLY B 22 19.39 -4.55 -12.44
C GLY B 22 18.99 -3.81 -11.16
N SER B 23 18.56 -2.57 -11.33
CA SER B 23 18.09 -1.80 -10.20
C SER B 23 16.91 -2.45 -9.53
N ALA B 24 15.93 -2.93 -10.29
CA ALA B 24 14.76 -3.59 -9.72
C ALA B 24 15.18 -4.90 -9.01
N ALA B 25 16.13 -5.69 -9.59
CA ALA B 25 16.64 -6.93 -8.96
C ALA B 25 17.24 -6.62 -7.57
N ARG B 26 18.06 -5.56 -7.54
CA ARG B 26 18.67 -5.06 -6.33
C ARG B 26 17.61 -4.62 -5.33
N ALA B 27 16.66 -3.81 -5.75
CA ALA B 27 15.61 -3.36 -4.87
C ALA B 27 14.86 -4.58 -4.28
N MSE B 28 14.45 -5.52 -5.12
CA MSE B 28 13.81 -6.75 -4.66
C MSE B 28 14.63 -7.51 -3.60
O MSE B 28 14.09 -7.89 -2.54
CB MSE B 28 13.57 -7.66 -5.83
CG MSE B 28 12.50 -7.17 -6.72
SE MSE B 28 12.44 -8.22 -8.36
CE MSE B 28 12.14 -10.01 -7.75
N LYS B 29 15.91 -7.72 -3.87
CA LYS B 29 16.73 -8.53 -2.97
C LYS B 29 16.94 -7.84 -1.63
N THR B 30 17.04 -6.54 -1.69
CA THR B 30 17.14 -5.71 -0.50
C THR B 30 15.96 -5.91 0.47
N MSE B 31 14.81 -6.33 -0.05
CA MSE B 31 13.60 -6.50 0.77
C MSE B 31 13.16 -7.97 0.97
O MSE B 31 12.17 -8.26 1.68
CB MSE B 31 12.44 -5.67 0.16
CG MSE B 31 12.64 -4.14 0.24
SE MSE B 31 12.88 -3.59 2.04
CE MSE B 31 11.15 -3.85 2.78
N GLY B 32 13.91 -8.89 0.35
CA GLY B 32 13.69 -10.32 0.49
C GLY B 32 12.89 -10.95 -0.64
N LEU B 33 12.69 -10.25 -1.77
CA LEU B 33 11.94 -10.84 -2.90
C LEU B 33 12.94 -11.47 -3.87
N THR B 34 12.49 -12.50 -4.59
CA THR B 34 13.37 -13.24 -5.49
C THR B 34 12.86 -13.52 -6.91
N GLN B 35 11.54 -13.51 -7.10
CA GLN B 35 10.99 -14.01 -8.36
C GLN B 35 10.77 -12.88 -9.31
N LEU B 36 11.64 -12.78 -10.29
CA LEU B 36 11.54 -11.73 -11.28
C LEU B 36 11.11 -12.33 -12.61
N CYS B 37 10.25 -11.60 -13.31
CA CYS B 37 9.71 -11.96 -14.62
C CYS B 37 9.80 -10.78 -15.61
N LEU B 38 10.36 -11.02 -16.77
CA LEU B 38 10.49 -9.96 -17.78
C LEU B 38 9.72 -10.33 -19.04
N VAL B 39 8.71 -9.54 -19.35
CA VAL B 39 7.95 -9.73 -20.57
C VAL B 39 8.67 -8.96 -21.69
N SER B 40 9.17 -9.67 -22.72
CA SER B 40 9.96 -9.08 -23.83
C SER B 40 10.80 -7.84 -23.44
N PRO B 41 11.79 -8.02 -22.55
CA PRO B 41 12.66 -6.90 -22.22
C PRO B 41 13.35 -6.38 -23.46
N LYS B 42 13.61 -5.08 -23.54
CA LYS B 42 14.39 -4.64 -24.69
C LYS B 42 15.79 -5.31 -24.75
N SER B 43 16.47 -5.39 -23.60
CA SER B 43 17.72 -6.14 -23.48
C SER B 43 18.01 -6.51 -22.03
N VAL B 44 18.58 -7.69 -21.84
CA VAL B 44 19.16 -8.04 -20.55
C VAL B 44 20.63 -8.32 -20.78
N ASP B 45 21.45 -7.48 -20.18
CA ASP B 45 22.87 -7.39 -20.56
C ASP B 45 23.78 -7.04 -19.37
N GLU B 46 25.03 -6.71 -19.70
CA GLU B 46 26.06 -6.37 -18.72
CA GLU B 46 26.06 -6.37 -18.73
C GLU B 46 25.60 -5.19 -17.88
N GLN B 47 24.88 -4.26 -18.50
CA GLN B 47 24.32 -3.16 -17.72
C GLN B 47 23.24 -3.59 -16.70
N SER B 48 22.46 -4.64 -17.03
CA SER B 48 21.50 -5.18 -16.04
C SER B 48 22.27 -5.82 -14.87
N TYR B 49 23.35 -6.51 -15.21
CA TYR B 49 24.10 -7.25 -14.23
C TYR B 49 24.90 -6.31 -13.32
N ALA B 50 25.39 -5.20 -13.88
CA ALA B 50 26.13 -4.20 -13.13
C ALA B 50 25.26 -3.45 -12.10
N LEU B 51 24.05 -3.07 -12.48
CA LEU B 51 23.20 -2.30 -11.60
C LEU B 51 22.58 -3.15 -10.51
N SER B 52 22.53 -4.47 -10.76
CA SER B 52 22.05 -5.47 -9.79
C SER B 52 22.97 -5.55 -8.56
N ALA B 53 24.26 -5.28 -8.79
CA ALA B 53 25.27 -5.16 -7.74
C ALA B 53 25.07 -6.13 -6.57
N GLY B 54 25.30 -7.41 -6.80
CA GLY B 54 25.08 -8.44 -5.79
C GLY B 54 23.78 -9.19 -5.97
N ALA B 55 22.79 -8.57 -6.64
CA ALA B 55 21.55 -9.24 -6.98
C ALA B 55 21.54 -9.94 -8.36
N GLU B 56 22.74 -10.25 -8.90
CA GLU B 56 22.89 -10.97 -10.19
C GLU B 56 22.11 -12.28 -10.31
N ASN B 57 21.99 -13.00 -9.18
CA ASN B 57 21.18 -14.22 -9.07
C ASN B 57 19.68 -14.04 -9.46
N ILE B 58 19.10 -12.91 -9.07
CA ILE B 58 17.70 -12.58 -9.37
C ILE B 58 17.52 -12.30 -10.88
N VAL B 59 18.48 -11.60 -11.44
CA VAL B 59 18.52 -11.33 -12.86
C VAL B 59 18.71 -12.63 -13.64
N LYS B 60 19.77 -13.40 -13.35
CA LYS B 60 19.98 -14.69 -13.99
C LYS B 60 18.75 -15.61 -13.95
N ASN B 61 18.14 -15.75 -12.77
CA ASN B 61 17.00 -16.65 -12.63
C ASN B 61 15.68 -16.11 -13.16
N ALA B 62 15.66 -14.86 -13.62
CA ALA B 62 14.45 -14.25 -14.20
C ALA B 62 13.76 -15.12 -15.26
N ARG B 63 12.45 -15.27 -15.12
CA ARG B 63 11.61 -15.85 -16.17
C ARG B 63 11.53 -14.82 -17.30
N VAL B 64 11.95 -15.17 -18.50
CA VAL B 64 11.77 -14.27 -19.64
C VAL B 64 10.65 -14.84 -20.52
N VAL B 65 9.57 -14.09 -20.69
CA VAL B 65 8.49 -14.53 -21.59
C VAL B 65 8.15 -13.47 -22.63
N ASP B 66 7.53 -13.90 -23.72
CA ASP B 66 7.12 -13.01 -24.81
C ASP B 66 5.78 -12.31 -24.60
N SER B 67 5.03 -12.64 -23.55
CA SER B 67 3.73 -11.98 -23.36
C SER B 67 3.28 -11.82 -21.90
N PHE B 68 2.38 -10.87 -21.68
CA PHE B 68 1.72 -10.57 -20.39
C PHE B 68 1.04 -11.85 -19.86
N ASP B 69 0.18 -12.47 -20.68
CA ASP B 69 -0.52 -13.69 -20.31
C ASP B 69 0.40 -14.81 -19.80
N GLU B 70 1.52 -15.02 -20.49
CA GLU B 70 2.57 -15.94 -20.06
C GLU B 70 3.17 -15.57 -18.66
N ALA B 71 3.45 -14.28 -18.47
CA ALA B 71 4.01 -13.81 -17.21
C ALA B 71 3.11 -14.21 -16.04
N VAL B 72 1.80 -14.18 -16.25
CA VAL B 72 0.88 -14.30 -15.11
C VAL B 72 0.03 -15.57 -15.16
N ASP B 73 0.47 -16.54 -15.93
CA ASP B 73 -0.28 -17.77 -16.25
C ASP B 73 -0.75 -18.59 -15.07
N ASP B 74 0.05 -18.70 -14.02
CA ASP B 74 -0.38 -19.47 -12.86
C ASP B 74 -0.71 -18.61 -11.65
N CYS B 75 -0.80 -17.29 -11.85
CA CYS B 75 -1.15 -16.39 -10.75
C CYS B 75 -2.61 -16.13 -10.78
N SER B 76 -3.26 -16.31 -9.62
CA SER B 76 -4.68 -16.15 -9.51
C SER B 76 -5.03 -14.74 -9.04
N LEU B 77 -4.03 -14.02 -8.53
CA LEU B 77 -4.19 -12.61 -8.24
C LEU B 77 -3.18 -11.82 -9.06
N VAL B 78 -3.69 -10.89 -9.87
CA VAL B 78 -2.86 -10.01 -10.70
C VAL B 78 -3.14 -8.55 -10.36
N ILE B 79 -2.06 -7.84 -10.02
CA ILE B 79 -2.06 -6.43 -9.67
C ILE B 79 -1.14 -5.67 -10.65
N GLY B 80 -1.67 -4.63 -11.30
CA GLY B 80 -0.87 -3.73 -12.11
C GLY B 80 -0.69 -2.33 -11.54
N THR B 81 0.50 -1.77 -11.65
CA THR B 81 0.70 -0.39 -11.19
C THR B 81 0.04 0.59 -12.19
N SER B 82 -0.63 1.60 -11.64
CA SER B 82 -1.38 2.52 -12.49
C SER B 82 -1.45 3.95 -11.96
N ALA B 83 -1.57 4.92 -12.87
CA ALA B 83 -2.09 6.24 -12.49
C ALA B 83 -3.55 6.09 -12.09
N ARG B 84 -4.08 7.09 -11.41
CA ARG B 84 -5.45 7.06 -10.96
C ARG B 84 -6.42 7.38 -12.12
N LEU B 85 -6.46 6.53 -13.13
CA LEU B 85 -7.33 6.78 -14.27
C LEU B 85 -8.77 6.67 -13.80
N ARG B 86 -9.61 7.58 -14.31
CA ARG B 86 -11.01 7.70 -13.96
C ARG B 86 -11.74 6.35 -13.98
N HIS B 87 -11.51 5.55 -15.03
CA HIS B 87 -12.25 4.30 -15.17
C HIS B 87 -11.79 3.18 -14.23
N LEU B 88 -10.69 3.39 -13.51
CA LEU B 88 -10.14 2.36 -12.59
C LEU B 88 -10.53 2.62 -11.16
N GLN B 89 -11.47 3.53 -10.95
CA GLN B 89 -11.75 4.02 -9.57
C GLN B 89 -12.25 2.97 -8.56
N ASN B 90 -12.91 1.94 -9.04
CA ASN B 90 -13.42 0.90 -8.14
C ASN B 90 -12.40 -0.16 -7.75
N THR B 91 -11.24 -0.21 -8.41
CA THR B 91 -10.22 -1.23 -8.10
C THR B 91 -8.86 -0.60 -7.83
N LEU B 92 -8.85 0.71 -7.68
CA LEU B 92 -7.60 1.41 -7.36
C LEU B 92 -7.20 1.15 -5.92
N ILE B 93 -5.96 0.69 -5.72
CA ILE B 93 -5.47 0.54 -4.33
C ILE B 93 -4.09 1.13 -4.16
N GLU B 94 -3.74 1.42 -2.91
CA GLU B 94 -2.38 1.94 -2.63
C GLU B 94 -1.45 0.83 -2.07
N PRO B 95 -0.13 1.09 -1.99
CA PRO B 95 0.82 0.04 -1.56
C PRO B 95 0.60 -0.58 -0.17
N ARG B 96 0.19 0.22 0.79
CA ARG B 96 -0.06 -0.32 2.13
C ARG B 96 -1.16 -1.40 2.14
N GLU B 97 -2.38 -1.02 1.75
CA GLU B 97 -3.51 -1.95 1.58
C GLU B 97 -3.13 -3.10 0.65
N CYS B 98 -2.47 -2.78 -0.45
CA CYS B 98 -2.02 -3.85 -1.33
C CYS B 98 -1.13 -4.90 -0.61
N ALA B 99 -0.15 -4.42 0.15
CA ALA B 99 0.76 -5.29 0.89
C ALA B 99 -0.01 -6.16 1.89
N GLU B 100 -0.94 -5.53 2.58
CA GLU B 100 -1.77 -6.27 3.49
C GLU B 100 -2.64 -7.34 2.80
N LYS B 101 -3.19 -7.04 1.62
CA LYS B 101 -3.97 -8.00 0.83
C LYS B 101 -3.08 -9.19 0.48
N VAL B 102 -1.97 -8.87 -0.16
CA VAL B 102 -1.03 -9.85 -0.70
C VAL B 102 -0.47 -10.85 0.32
N VAL B 103 0.11 -10.34 1.39
CA VAL B 103 0.65 -11.16 2.45
C VAL B 103 -0.42 -12.12 3.01
N ALA B 104 -1.69 -11.77 2.85
CA ALA B 104 -2.75 -12.59 3.40
C ALA B 104 -3.24 -13.61 2.37
N TYR B 105 -2.88 -13.40 1.10
CA TYR B 105 -3.37 -14.22 -0.01
C TYR B 105 -2.79 -15.63 -0.03
N LYS B 106 -3.66 -16.62 -0.21
CA LYS B 106 -3.22 -18.00 -0.45
C LYS B 106 -3.17 -18.22 -1.96
N GLY B 107 -1.98 -18.46 -2.48
CA GLY B 107 -1.85 -18.64 -3.91
C GLY B 107 -0.84 -17.71 -4.52
N LYS B 108 -0.68 -17.86 -5.81
CA LYS B 108 0.30 -17.10 -6.55
C LYS B 108 -0.23 -15.72 -6.96
N ILE B 109 0.62 -14.72 -6.76
CA ILE B 109 0.32 -13.31 -7.00
C ILE B 109 1.41 -12.77 -7.95
N ALA B 110 0.98 -12.02 -8.97
CA ALA B 110 1.91 -11.27 -9.84
C ALA B 110 1.66 -9.77 -9.57
N ILE B 111 2.75 -8.99 -9.40
CA ILE B 111 2.64 -7.53 -9.36
C ILE B 111 3.35 -7.02 -10.59
N VAL B 112 2.59 -6.27 -11.40
CA VAL B 112 3.00 -5.90 -12.76
C VAL B 112 3.26 -4.38 -12.91
N PHE B 113 4.48 -4.05 -13.34
CA PHE B 113 4.96 -2.67 -13.53
C PHE B 113 5.08 -2.46 -15.00
N GLY B 114 4.68 -1.30 -15.50
CA GLY B 114 4.67 -1.07 -16.94
C GLY B 114 5.95 -0.50 -17.50
N ARG B 115 5.81 0.18 -18.62
CA ARG B 115 6.94 0.70 -19.36
C ARG B 115 7.40 1.99 -18.71
N GLU B 116 8.67 2.30 -18.93
CA GLU B 116 9.37 3.43 -18.28
C GLU B 116 8.65 4.77 -18.32
N ARG B 117 7.96 5.10 -19.40
CA ARG B 117 7.20 6.36 -19.37
CA ARG B 117 7.22 6.36 -19.40
C ARG B 117 5.72 6.08 -19.38
N ILE B 118 5.32 5.23 -20.30
CA ILE B 118 3.96 4.88 -20.66
C ILE B 118 3.20 4.15 -19.54
N GLY B 119 3.85 3.26 -18.81
CA GLY B 119 3.12 2.38 -17.87
C GLY B 119 2.46 1.21 -18.59
N LEU B 120 1.23 0.89 -18.20
CA LEU B 120 0.55 -0.26 -18.79
C LEU B 120 -0.58 0.23 -19.71
N THR B 121 -0.79 -0.44 -20.84
CA THR B 121 -1.93 -0.06 -21.73
C THR B 121 -3.27 -0.37 -21.03
N ASN B 122 -4.39 0.17 -21.50
CA ASN B 122 -5.69 -0.20 -20.88
C ASN B 122 -6.01 -1.70 -20.99
N GLU B 123 -5.62 -2.30 -22.10
CA GLU B 123 -5.80 -3.75 -22.31
C GLU B 123 -5.02 -4.58 -21.29
N GLU B 124 -3.82 -4.11 -20.94
CA GLU B 124 -3.03 -4.82 -19.93
C GLU B 124 -3.69 -4.58 -18.58
N LEU B 125 -4.16 -3.35 -18.35
CA LEU B 125 -4.88 -3.02 -17.10
C LEU B 125 -6.14 -3.85 -16.86
N LEU B 126 -6.89 -4.11 -17.94
CA LEU B 126 -8.07 -4.96 -17.94
C LEU B 126 -7.74 -6.39 -17.50
N LYS B 127 -6.49 -6.78 -17.68
CA LYS B 127 -6.06 -8.08 -17.22
C LYS B 127 -5.64 -8.14 -15.73
N CYS B 128 -5.71 -7.03 -14.99
CA CYS B 128 -5.42 -7.00 -13.53
C CYS B 128 -6.69 -6.93 -12.73
N HIS B 129 -6.73 -7.65 -11.61
CA HIS B 129 -7.84 -7.60 -10.63
C HIS B 129 -7.82 -6.29 -9.85
N TYR B 130 -6.63 -5.80 -9.47
CA TYR B 130 -6.52 -4.52 -8.74
C TYR B 130 -5.46 -3.65 -9.41
N HIS B 131 -5.57 -2.37 -9.16
CA HIS B 131 -4.72 -1.37 -9.80
C HIS B 131 -3.96 -0.57 -8.78
N LEU B 132 -2.63 -0.73 -8.82
CA LEU B 132 -1.87 -0.21 -7.71
C LEU B 132 -1.31 1.21 -7.97
N ASN B 133 -1.78 2.15 -7.18
CA ASN B 133 -1.29 3.51 -7.32
C ASN B 133 -0.44 3.93 -6.13
N ILE B 134 0.74 4.46 -6.39
CA ILE B 134 1.59 5.04 -5.33
C ILE B 134 1.24 6.51 -5.08
N PRO B 135 0.80 6.86 -3.88
CA PRO B 135 0.50 8.26 -3.64
C PRO B 135 1.76 9.13 -3.82
N ALA B 136 1.64 10.21 -4.59
CA ALA B 136 2.81 10.93 -5.10
C ALA B 136 2.45 12.39 -5.33
N ASN B 137 3.46 13.25 -5.45
CA ASN B 137 3.28 14.66 -5.85
C ASN B 137 2.33 14.72 -7.09
N PRO B 138 1.16 15.37 -6.97
CA PRO B 138 0.24 15.39 -8.11
C PRO B 138 0.86 16.03 -9.32
N ASP B 139 1.89 16.85 -9.11
CA ASP B 139 2.56 17.56 -10.19
C ASP B 139 3.69 16.80 -10.85
N TYR B 140 4.06 15.67 -10.27
CA TYR B 140 5.23 14.92 -10.69
C TYR B 140 5.05 13.56 -10.04
N SER B 141 4.21 12.73 -10.64
CA SER B 141 3.77 11.50 -9.97
C SER B 141 4.27 10.20 -10.57
N SER B 142 5.12 10.26 -11.59
CA SER B 142 5.75 9.05 -12.14
C SER B 142 7.13 8.79 -11.52
N LEU B 143 7.27 7.61 -10.92
CA LEU B 143 8.55 7.11 -10.43
C LEU B 143 9.40 6.43 -11.50
N ASN B 144 10.70 6.47 -11.31
CA ASN B 144 11.57 5.52 -12.00
C ASN B 144 11.06 4.07 -11.73
N LEU B 145 11.12 3.22 -12.75
CA LEU B 145 10.65 1.80 -12.69
C LEU B 145 11.24 1.06 -11.47
N ALA B 146 12.55 1.19 -11.25
CA ALA B 146 13.16 0.48 -10.13
C ALA B 146 12.74 1.06 -8.76
N MSE B 147 12.49 2.37 -8.68
CA MSE B 147 12.06 2.98 -7.43
C MSE B 147 10.64 2.56 -7.03
O MSE B 147 10.38 2.42 -5.88
CB MSE B 147 12.19 4.51 -7.47
CG MSE B 147 13.70 5.00 -7.65
SE MSE B 147 14.96 4.26 -6.32
CE MSE B 147 15.68 2.66 -7.20
N ALA B 148 9.75 2.42 -8.01
CA ALA B 148 8.39 1.92 -7.81
C ALA B 148 8.46 0.49 -7.25
N VAL B 149 9.31 -0.34 -7.85
CA VAL B 149 9.56 -1.69 -7.33
C VAL B 149 10.13 -1.69 -5.87
N GLN B 150 11.05 -0.76 -5.61
CA GLN B 150 11.68 -0.61 -4.32
C GLN B 150 10.61 -0.28 -3.32
N LEU B 151 9.72 0.66 -3.66
CA LEU B 151 8.68 1.04 -2.65
C LEU B 151 7.65 -0.06 -2.39
N VAL B 152 7.15 -0.67 -3.46
CA VAL B 152 6.23 -1.82 -3.32
C VAL B 152 6.90 -3.01 -2.57
N SER B 153 8.17 -3.35 -2.95
CA SER B 153 8.92 -4.41 -2.23
C SER B 153 9.05 -4.09 -0.73
N TYR B 154 9.31 -2.81 -0.43
CA TYR B 154 9.40 -2.34 0.94
C TYR B 154 8.11 -2.49 1.71
N GLU B 155 6.96 -2.11 1.16
CA GLU B 155 5.67 -2.31 1.89
C GLU B 155 5.29 -3.80 2.01
N LEU B 156 5.69 -4.58 1.04
CA LEU B 156 5.54 -6.05 1.13
C LEU B 156 6.32 -6.65 2.33
N ARG B 157 7.52 -6.15 2.58
CA ARG B 157 8.28 -6.68 3.72
C ARG B 157 7.70 -6.12 5.01
N MSE B 158 7.34 -4.83 5.03
CA MSE B 158 6.72 -4.29 6.29
C MSE B 158 5.52 -5.19 6.64
O MSE B 158 5.47 -5.71 7.72
CB MSE B 158 6.29 -2.81 6.14
CG MSE B 158 7.49 -1.79 6.14
SE MSE B 158 8.98 -2.22 7.38
CE MSE B 158 10.15 -3.12 6.09
N ALA B 159 4.62 -5.45 5.67
CA ALA B 159 3.44 -6.25 5.96
C ALA B 159 3.78 -7.67 6.40
N PHE B 160 4.78 -8.28 5.77
CA PHE B 160 5.23 -9.62 6.10
C PHE B 160 5.72 -9.69 7.52
N LEU B 161 6.56 -8.73 7.93
CA LEU B 161 7.08 -8.69 9.30
C LEU B 161 5.98 -8.46 10.34
N VAL B 162 5.06 -7.55 10.07
CA VAL B 162 3.99 -7.28 11.03
C VAL B 162 3.18 -8.54 11.32
N GLN B 163 2.95 -9.34 10.29
CA GLN B 163 2.19 -10.57 10.36
C GLN B 163 2.94 -11.64 11.14
N ASN B 164 4.27 -11.66 10.99
CA ASN B 164 5.09 -12.64 11.70
C ASN B 164 5.27 -12.34 13.17
N ASN B 165 5.08 -11.08 13.54
CA ASN B 165 5.08 -10.66 14.95
C ASN B 165 3.93 -11.27 15.74
N LYS B 166 3.03 -11.96 15.04
CA LYS B 166 1.88 -12.63 15.67
C LYS B 166 1.66 -14.08 15.20
N LYS B 167 1.90 -14.34 13.91
CA LYS B 167 1.75 -15.66 13.26
C LYS B 167 0.36 -16.30 13.45
N ILE B 173 -0.57 -14.73 18.79
CA ILE B 173 -1.93 -14.47 18.33
C ILE B 173 -2.34 -15.43 17.21
N GLU B 174 -3.63 -15.75 17.15
CA GLU B 174 -4.18 -16.76 16.23
C GLU B 174 -5.65 -17.00 16.53
N LYS B 175 -6.49 -16.96 15.50
CA LYS B 175 -7.93 -17.16 15.66
C LYS B 175 -8.61 -17.67 14.39
N ASN B 176 -9.11 -18.91 14.44
CA ASN B 176 -9.94 -19.44 13.37
C ASN B 176 -11.25 -18.67 13.30
N TYR B 177 -11.63 -18.25 12.10
CA TYR B 177 -12.89 -17.54 11.85
C TYR B 177 -13.42 -17.92 10.47
N PRO B 178 -13.79 -16.92 9.67
CA PRO B 178 -14.33 -17.12 8.33
C PRO B 178 -13.26 -16.97 7.25
N THR B 179 -13.23 -17.90 6.29
CA THR B 179 -12.30 -17.82 5.16
C THR B 179 -12.84 -16.84 4.12
N THR B 180 -11.95 -16.30 3.28
CA THR B 180 -12.31 -15.19 2.39
C THR B 180 -13.26 -15.55 1.22
N ASP B 181 -13.26 -16.82 0.82
CA ASP B 181 -14.16 -17.29 -0.24
C ASP B 181 -15.57 -17.50 0.28
N GLN B 182 -15.65 -18.06 1.50
CA GLN B 182 -16.89 -18.08 2.28
C GLN B 182 -17.55 -16.72 2.40
N LEU B 183 -16.73 -15.66 2.47
CA LEU B 183 -17.22 -14.29 2.78
C LEU B 183 -17.59 -13.55 1.51
N ALA B 184 -16.76 -13.71 0.48
CA ALA B 184 -17.01 -13.14 -0.85
C ALA B 184 -18.22 -13.80 -1.53
N TYR B 185 -18.36 -15.12 -1.30
CA TYR B 185 -19.60 -15.83 -1.61
C TYR B 185 -20.81 -15.26 -0.83
N PHE B 186 -20.63 -14.94 0.45
CA PHE B 186 -21.71 -14.35 1.24
C PHE B 186 -22.18 -13.03 0.62
N PHE B 187 -21.23 -12.19 0.27
CA PHE B 187 -21.47 -11.03 -0.60
C PHE B 187 -22.21 -11.35 -1.91
N ASP B 188 -21.61 -12.14 -2.81
CA ASP B 188 -22.29 -12.50 -4.06
C ASP B 188 -23.72 -13.02 -3.81
N TYR B 189 -23.85 -13.95 -2.85
CA TYR B 189 -25.14 -14.48 -2.42
C TYR B 189 -26.11 -13.35 -2.02
N THR B 190 -25.68 -12.50 -1.09
CA THR B 190 -26.37 -11.25 -0.74
C THR B 190 -26.71 -10.40 -1.99
N GLU B 191 -25.72 -10.12 -2.85
CA GLU B 191 -25.98 -9.39 -4.11
C GLU B 191 -27.05 -10.01 -5.03
N ARG B 192 -26.98 -11.31 -5.27
CA ARG B 192 -27.94 -12.00 -6.16
CA ARG B 192 -27.97 -11.96 -6.13
C ARG B 192 -29.38 -11.76 -5.61
N ILE B 193 -29.59 -12.25 -4.39
CA ILE B 193 -30.89 -12.15 -3.69
C ILE B 193 -31.54 -10.74 -3.74
N TYR B 194 -30.87 -9.75 -3.16
CA TYR B 194 -31.40 -8.38 -3.05
C TYR B 194 -31.56 -7.61 -4.36
N GLN B 195 -30.69 -7.90 -5.33
CA GLN B 195 -30.93 -7.55 -6.71
C GLN B 195 -32.25 -8.16 -7.19
N SER B 196 -32.45 -9.45 -6.94
CA SER B 196 -33.71 -10.16 -7.28
C SER B 196 -34.95 -9.49 -6.65
N LEU B 197 -34.79 -9.00 -5.43
CA LEU B 197 -35.90 -8.38 -4.69
C LEU B 197 -36.28 -6.97 -5.12
N GLY B 198 -35.51 -6.39 -6.05
CA GLY B 198 -35.75 -5.04 -6.53
C GLY B 198 -35.05 -3.98 -5.69
N PHE B 199 -34.25 -4.41 -4.73
CA PHE B 199 -33.67 -3.49 -3.74
C PHE B 199 -32.35 -2.88 -4.16
N ILE B 200 -31.40 -3.70 -4.61
CA ILE B 200 -30.10 -3.19 -5.07
C ILE B 200 -30.25 -2.60 -6.46
N GLN B 201 -29.79 -1.37 -6.62
CA GLN B 201 -29.92 -0.64 -7.86
C GLN B 201 -28.62 -0.05 -8.36
N ASN B 202 -27.58 -0.14 -7.52
CA ASN B 202 -26.20 0.14 -7.90
C ASN B 202 -25.24 -0.47 -6.89
N GLN B 203 -23.95 -0.23 -7.11
CA GLN B 203 -22.86 -0.79 -6.28
C GLN B 203 -22.85 -0.27 -4.82
N GLY B 204 -23.42 0.91 -4.59
CA GLY B 204 -23.44 1.58 -3.29
C GLY B 204 -23.88 0.70 -2.12
N VAL B 205 -24.97 -0.04 -2.31
CA VAL B 205 -25.45 -0.94 -1.25
C VAL B 205 -24.37 -1.96 -0.92
N MSE B 206 -23.86 -2.66 -1.93
CA MSE B 206 -22.86 -3.67 -1.68
C MSE B 206 -21.55 -3.08 -1.12
O MSE B 206 -20.80 -3.78 -0.45
CB MSE B 206 -22.64 -4.58 -2.89
CG MSE B 206 -23.82 -5.54 -3.14
SE MSE B 206 -24.24 -6.61 -1.57
CE MSE B 206 -22.53 -7.54 -1.42
N ARG B 207 -21.31 -1.78 -1.32
CA ARG B 207 -20.11 -1.14 -0.76
C ARG B 207 -20.24 -0.95 0.75
N LYS B 208 -21.38 -0.38 1.17
CA LYS B 208 -21.66 -0.20 2.58
C LYS B 208 -21.74 -1.53 3.30
N LEU B 209 -22.28 -2.54 2.61
CA LEU B 209 -22.53 -3.84 3.24
C LEU B 209 -21.22 -4.52 3.62
N LYS B 210 -20.24 -4.43 2.74
CA LYS B 210 -18.92 -4.97 3.02
C LYS B 210 -18.13 -4.16 4.04
N ARG B 211 -18.30 -2.83 4.02
CA ARG B 211 -17.60 -1.97 4.94
C ARG B 211 -18.13 -2.28 6.35
N LEU B 212 -19.44 -2.48 6.47
CA LEU B 212 -20.04 -2.85 7.77
C LEU B 212 -19.52 -4.21 8.27
N TYR B 213 -19.60 -5.22 7.40
CA TYR B 213 -19.34 -6.64 7.78
C TYR B 213 -17.87 -6.95 8.07
N TYR B 214 -16.97 -6.22 7.40
CA TYR B 214 -15.56 -6.19 7.80
C TYR B 214 -15.39 -5.66 9.20
N ARG B 215 -16.05 -4.53 9.50
CA ARG B 215 -15.83 -3.82 10.76
C ARG B 215 -16.19 -4.75 11.90
N ALA B 216 -17.37 -5.36 11.77
CA ALA B 216 -17.84 -6.41 12.68
C ALA B 216 -16.93 -7.63 12.79
N LYS B 217 -16.17 -7.90 11.72
CA LYS B 217 -15.28 -9.07 11.65
C LYS B 217 -16.07 -10.34 11.97
N LEU B 218 -16.93 -10.72 11.04
CA LEU B 218 -17.87 -11.83 11.24
C LEU B 218 -17.22 -13.12 11.72
N GLU B 219 -17.78 -13.69 12.79
CA GLU B 219 -17.37 -15.01 13.24
CA GLU B 219 -17.40 -15.01 13.26
C GLU B 219 -17.94 -16.05 12.27
N LYS B 220 -17.27 -17.19 12.18
CA LYS B 220 -17.75 -18.28 11.35
C LYS B 220 -19.24 -18.59 11.64
N ASN B 221 -19.59 -18.64 12.92
CA ASN B 221 -20.97 -18.85 13.37
C ASN B 221 -21.94 -17.82 12.82
N GLU B 222 -21.50 -16.57 12.79
CA GLU B 222 -22.31 -15.48 12.31
C GLU B 222 -22.52 -15.60 10.81
N LEU B 223 -21.43 -15.90 10.08
CA LEU B 223 -21.56 -16.12 8.64
C LEU B 223 -22.59 -17.21 8.36
N ASN B 224 -22.51 -18.32 9.07
CA ASN B 224 -23.52 -19.38 9.01
C ASN B 224 -24.95 -18.85 9.06
N ILE B 225 -25.26 -18.08 10.11
CA ILE B 225 -26.63 -17.60 10.27
C ILE B 225 -27.09 -16.66 9.15
N LEU B 226 -26.32 -15.62 8.87
CA LEU B 226 -26.63 -14.74 7.73
C LEU B 226 -26.83 -15.54 6.40
N ASN B 227 -26.05 -16.60 6.24
CA ASN B 227 -26.22 -17.52 5.09
C ASN B 227 -27.54 -18.31 5.06
N GLY B 228 -27.93 -18.87 6.21
CA GLY B 228 -29.24 -19.54 6.34
C GLY B 228 -30.42 -18.62 6.09
N MSE B 229 -30.25 -17.33 6.39
CA MSE B 229 -31.27 -16.30 6.12
C MSE B 229 -31.43 -16.05 4.63
O MSE B 229 -32.56 -15.97 4.09
CB MSE B 229 -30.89 -15.00 6.86
CG MSE B 229 -30.46 -15.27 8.29
SE MSE B 229 -30.41 -13.77 9.55
CE MSE B 229 -28.61 -13.13 9.41
N LEU B 230 -30.31 -15.90 3.93
CA LEU B 230 -30.35 -15.80 2.46
C LEU B 230 -31.17 -16.95 1.85
N SER B 231 -30.82 -18.18 2.22
CA SER B 231 -31.51 -19.41 1.73
C SER B 231 -33.01 -19.39 1.97
N ALA B 232 -33.42 -18.96 3.17
CA ALA B 232 -34.82 -18.91 3.53
C ALA B 232 -35.56 -17.91 2.62
N VAL B 233 -34.89 -16.79 2.33
CA VAL B 233 -35.43 -15.78 1.42
C VAL B 233 -35.47 -16.32 0.00
N GLU B 234 -34.37 -16.94 -0.43
CA GLU B 234 -34.27 -17.57 -1.76
C GLU B 234 -35.35 -18.62 -1.97
N LYS B 235 -35.61 -19.42 -0.94
CA LYS B 235 -36.69 -20.41 -0.98
C LYS B 235 -38.03 -19.76 -1.35
N ARG B 236 -38.35 -18.65 -0.69
CA ARG B 236 -39.57 -17.90 -0.97
C ARG B 236 -39.55 -17.26 -2.38
N ILE B 237 -38.40 -16.72 -2.80
CA ILE B 237 -38.23 -16.15 -4.14
C ILE B 237 -38.33 -17.24 -5.20
N ASP B 238 -37.63 -18.36 -4.95
CA ASP B 238 -37.62 -19.53 -5.82
C ASP B 238 -38.98 -20.22 -5.84
N LEU B 239 -39.69 -20.12 -4.73
CA LEU B 239 -41.07 -20.60 -4.65
C LEU B 239 -42.07 -19.50 -5.08
N THR B 240 -41.56 -18.49 -5.79
CA THR B 240 -42.37 -17.46 -6.47
C THR B 240 -41.85 -17.07 -7.87
N LYS B 241 -40.98 -17.92 -8.44
CA LYS B 241 -40.27 -17.65 -9.72
C LYS B 241 -39.07 -16.69 -9.58
C1 EDO C . 22.51 6.51 2.73
O1 EDO C . 21.47 5.78 3.40
C2 EDO C . 23.28 5.61 1.74
O2 EDO C . 22.59 4.36 1.56
C1 EDO D . 19.92 2.92 6.68
O1 EDO D . 19.27 1.65 6.75
C2 EDO D . 21.05 2.84 5.67
O2 EDO D . 20.62 3.47 4.44
C1 EDO E . 2.57 3.99 -10.56
O1 EDO E . 1.73 4.61 -9.57
C2 EDO E . 3.35 5.04 -11.36
O2 EDO E . 4.68 5.28 -10.84
C1 EDO F . -9.79 7.30 -18.50
O1 EDO F . -10.57 6.81 -17.40
C2 EDO F . -10.70 7.81 -19.61
O2 EDO F . -10.64 6.85 -20.67
C1 EDO G . 17.39 5.24 -11.14
O1 EDO G . 16.55 6.28 -10.56
C2 EDO G . 17.56 4.01 -10.24
O2 EDO G . 18.59 4.25 -9.24
C ACT H . -1.18 10.78 -6.78
O ACT H . -1.28 10.80 -5.51
OXT ACT H . -1.11 9.62 -7.33
CH3 ACT H . -1.14 12.06 -7.52
S SO4 I . 14.23 6.02 -16.59
O1 SO4 I . 13.55 7.16 -17.16
O2 SO4 I . 15.68 6.15 -16.82
O3 SO4 I . 14.01 5.99 -15.15
O4 SO4 I . 13.77 4.77 -17.15
S SO4 J . 6.39 3.03 -14.14
O1 SO4 J . 5.58 3.46 -15.28
O2 SO4 J . 7.79 2.98 -14.52
O3 SO4 J . 6.27 4.02 -13.06
O4 SO4 J . 5.89 1.72 -13.64
#